data_1GLM
#
_entry.id   1GLM
#
_cell.length_a   116.800
_cell.length_b   104.400
_cell.length_c   48.550
_cell.angle_alpha   90.00
_cell.angle_beta   90.00
_cell.angle_gamma   90.00
#
_symmetry.space_group_name_H-M   'P 21 21 21'
#
loop_
_entity.id
_entity.type
_entity.pdbx_description
1 polymer GLUCOAMYLASE-471
2 branched alpha-D-mannopyranose-(1-2)-alpha-D-mannopyranose-(1-3)-alpha-D-mannopyranose-(1-4)-2-acetamido-2-deoxy-beta-D-glucopyranose-(1-4)-2-acetamido-2-deoxy-beta-D-glucopyranose
3 branched alpha-D-mannopyranose-(1-2)-alpha-D-mannopyranose-(1-2)-alpha-D-mannopyranose-(1-3)-[alpha-D-mannopyranose-(1-3)-alpha-D-mannopyranose-(1-6)]alpha-D-mannopyranose-(1-4)-2-acetamido-2-deoxy-beta-D-glucopyranose-(1-4)-2-acetamido-2-deoxy-beta-D-glucopyranose
4 non-polymer alpha-D-mannopyranose
5 water water
#
_entity_poly.entity_id   1
_entity_poly.type   'polypeptide(L)'
_entity_poly.pdbx_seq_one_letter_code
;ATLDSWLSNEATVARTAILNNIGADGAWVSGADSGIVVASPSTDNPDYFYTWTRDSGLVIKTLVDLFRNGDTDLLSTIEH
YISSQAIIQGVSNPSGDLSSGGLGEPKFNVDETAYTGSWGRPQRDGPALRATAMIGFGQWLLDNGYTSAATEIVWPLVRN
DLSYVAQYWNQTGYDLWEEVNGSSFFTIAVQHRALVEGSAFATAVGSSCSWCDSQAPQILCYLQSFWTGSYILANFDSSR
SGKDTNTLLGSIHTFDPEAGCDDSTFQPCSPRALANHKEVVDSFRSIYTLNDGLSDSEAVAVGRYPEDSYYNGNPWFLCT
LAAAEQLYDALYQWDKQGSLEITDVSLDFFKALYSGAATGTYSSSSSTYSSIVSAVKTFADGFVSIVETHAASNGSLSEQ
FDKSDGDELSARDLTWSYAALLTANNRRNSVVPPSWGETSASSVPGTCAATSASGTYSSVTVTSWPSIVA
;
_entity_poly.pdbx_strand_id   A
#
loop_
_chem_comp.id
_chem_comp.type
_chem_comp.name
_chem_comp.formula
MAN D-saccharide, alpha linking alpha-D-mannopyranose 'C6 H12 O6'
NAG D-saccharide, beta linking 2-acetamido-2-deoxy-beta-D-glucopyranose 'C8 H15 N O6'
#
# COMPACT_ATOMS: atom_id res chain seq x y z
N ALA A 1 -4.55 12.37 -24.50
CA ALA A 1 -5.77 12.32 -25.34
C ALA A 1 -6.69 11.20 -24.86
N THR A 2 -6.40 9.97 -25.24
CA THR A 2 -7.16 8.79 -24.85
C THR A 2 -7.07 8.55 -23.34
N LEU A 3 -5.83 8.40 -22.89
CA LEU A 3 -5.50 8.14 -21.51
C LEU A 3 -6.01 9.12 -20.48
N ASP A 4 -5.78 10.40 -20.64
CA ASP A 4 -6.24 11.41 -19.68
C ASP A 4 -7.75 11.33 -19.49
N SER A 5 -8.36 11.08 -20.63
CA SER A 5 -9.82 10.98 -20.74
C SER A 5 -10.35 9.72 -20.06
N TRP A 6 -9.74 8.58 -20.35
CA TRP A 6 -10.14 7.30 -19.76
C TRP A 6 -9.92 7.36 -18.23
N LEU A 7 -8.83 7.97 -17.80
CA LEU A 7 -8.49 8.13 -16.41
C LEU A 7 -9.50 8.87 -15.56
N SER A 8 -9.99 9.96 -16.08
CA SER A 8 -10.98 10.80 -15.39
C SER A 8 -12.29 10.04 -15.23
N ASN A 9 -12.62 9.34 -16.29
CA ASN A 9 -13.80 8.52 -16.33
C ASN A 9 -13.66 7.34 -15.34
N GLU A 10 -12.53 6.65 -15.45
CA GLU A 10 -12.24 5.52 -14.59
C GLU A 10 -12.22 5.95 -13.11
N ALA A 11 -11.66 7.10 -12.79
CA ALA A 11 -11.64 7.54 -11.39
C ALA A 11 -13.06 7.58 -10.82
N THR A 12 -14.04 7.95 -11.63
CA THR A 12 -15.45 8.02 -11.19
C THR A 12 -16.04 6.62 -10.98
N VAL A 13 -15.75 5.72 -11.87
CA VAL A 13 -16.20 4.33 -11.73
C VAL A 13 -15.54 3.71 -10.48
N ALA A 14 -14.25 3.84 -10.34
CA ALA A 14 -13.46 3.32 -9.23
C ALA A 14 -14.04 3.74 -7.87
N ARG A 15 -14.36 5.00 -7.72
CA ARG A 15 -14.96 5.51 -6.45
C ARG A 15 -16.30 4.84 -6.20
N THR A 16 -17.14 4.75 -7.17
CA THR A 16 -18.45 4.11 -7.05
C THR A 16 -18.31 2.62 -6.75
N ALA A 17 -17.49 1.91 -7.49
CA ALA A 17 -17.34 0.45 -7.28
C ALA A 17 -16.88 0.20 -5.85
N ILE A 18 -16.02 1.05 -5.30
CA ILE A 18 -15.58 0.90 -3.93
C ILE A 18 -16.77 1.00 -2.97
N LEU A 19 -17.58 2.03 -3.04
CA LEU A 19 -18.75 2.23 -2.17
C LEU A 19 -19.70 1.05 -2.27
N ASN A 20 -19.79 0.46 -3.44
CA ASN A 20 -20.61 -0.72 -3.71
C ASN A 20 -20.12 -1.94 -2.94
N ASN A 21 -18.88 -1.95 -2.54
CA ASN A 21 -18.32 -3.14 -1.83
C ASN A 21 -18.20 -2.88 -0.34
N ILE A 22 -18.85 -1.85 0.17
CA ILE A 22 -18.76 -1.55 1.60
C ILE A 22 -20.18 -1.59 2.20
N GLY A 23 -20.34 -2.31 3.27
CA GLY A 23 -21.57 -2.47 4.02
C GLY A 23 -21.90 -1.21 4.82
N ALA A 24 -23.18 -1.07 5.24
CA ALA A 24 -24.25 -2.04 5.00
C ALA A 24 -25.23 -1.65 3.92
N ASP A 25 -24.90 -0.67 3.14
CA ASP A 25 -25.65 -0.07 2.05
C ASP A 25 -25.01 -0.32 0.69
N GLY A 26 -23.82 -0.91 0.65
CA GLY A 26 -23.12 -1.18 -0.63
C GLY A 26 -23.98 -2.10 -1.44
N ALA A 27 -24.30 -1.68 -2.65
CA ALA A 27 -25.16 -2.48 -3.56
C ALA A 27 -24.64 -3.86 -3.88
N TRP A 28 -23.32 -4.08 -3.94
CA TRP A 28 -22.81 -5.41 -4.33
C TRP A 28 -22.54 -6.36 -3.20
N VAL A 29 -22.60 -5.91 -1.97
CA VAL A 29 -22.25 -6.80 -0.84
C VAL A 29 -23.27 -6.91 0.26
N SER A 30 -24.52 -7.14 -0.08
CA SER A 30 -25.60 -7.31 0.90
C SER A 30 -25.17 -8.44 1.84
N GLY A 31 -25.23 -8.20 3.14
CA GLY A 31 -24.78 -9.22 4.09
C GLY A 31 -23.64 -8.67 4.93
N ALA A 32 -22.92 -7.71 4.36
CA ALA A 32 -21.77 -7.09 5.04
C ALA A 32 -22.27 -6.13 6.10
N ASP A 33 -21.61 -6.16 7.26
CA ASP A 33 -21.99 -5.23 8.34
C ASP A 33 -21.53 -3.82 7.95
N SER A 34 -21.89 -2.86 8.76
CA SER A 34 -21.61 -1.45 8.55
C SER A 34 -20.14 -1.11 8.66
N GLY A 35 -19.56 -0.52 7.62
CA GLY A 35 -18.16 -0.15 7.56
C GLY A 35 -17.25 -1.29 7.18
N ILE A 36 -17.78 -2.42 6.77
CA ILE A 36 -17.05 -3.61 6.37
C ILE A 36 -16.70 -3.51 4.89
N VAL A 37 -15.41 -3.45 4.61
CA VAL A 37 -14.91 -3.36 3.23
C VAL A 37 -14.74 -4.81 2.75
N VAL A 38 -15.49 -5.16 1.72
CA VAL A 38 -15.41 -6.56 1.21
C VAL A 38 -14.38 -6.60 0.10
N ALA A 39 -13.55 -7.63 0.02
CA ALA A 39 -12.51 -7.73 -1.02
C ALA A 39 -13.10 -7.73 -2.43
N SER A 40 -14.21 -8.43 -2.56
CA SER A 40 -14.92 -8.59 -3.82
C SER A 40 -16.27 -9.26 -3.55
N PRO A 41 -17.24 -8.95 -4.38
CA PRO A 41 -18.60 -9.54 -4.27
C PRO A 41 -18.60 -10.97 -4.72
N SER A 42 -17.49 -11.48 -5.21
CA SER A 42 -17.35 -12.86 -5.69
C SER A 42 -17.40 -13.82 -4.52
N THR A 43 -18.47 -14.62 -4.55
CA THR A 43 -18.69 -15.59 -3.47
C THR A 43 -18.24 -16.99 -3.85
N ASP A 44 -17.97 -17.26 -5.10
CA ASP A 44 -17.54 -18.54 -5.62
C ASP A 44 -16.46 -18.31 -6.72
N ASN A 45 -15.57 -19.25 -6.71
CA ASN A 45 -14.46 -19.45 -7.64
C ASN A 45 -13.87 -18.16 -8.18
N PRO A 46 -13.14 -17.39 -7.41
CA PRO A 46 -12.83 -17.63 -6.01
C PRO A 46 -13.83 -16.93 -5.09
N ASP A 47 -13.81 -17.39 -3.86
CA ASP A 47 -14.64 -16.79 -2.81
C ASP A 47 -13.77 -15.70 -2.14
N TYR A 48 -14.08 -14.46 -2.43
CA TYR A 48 -13.39 -13.31 -1.84
C TYR A 48 -14.32 -12.47 -0.97
N PHE A 49 -15.45 -13.08 -0.68
CA PHE A 49 -16.53 -12.47 0.12
C PHE A 49 -16.17 -12.56 1.60
N TYR A 50 -15.20 -11.77 1.97
CA TYR A 50 -14.65 -11.66 3.30
C TYR A 50 -14.04 -10.27 3.46
N THR A 51 -13.67 -9.93 4.69
CA THR A 51 -13.02 -8.63 4.89
C THR A 51 -11.61 -8.90 5.43
N TRP A 52 -10.61 -8.31 4.79
CA TRP A 52 -9.20 -8.48 5.19
C TRP A 52 -8.75 -7.20 5.89
N THR A 53 -8.01 -7.30 6.98
CA THR A 53 -7.48 -6.10 7.64
C THR A 53 -6.58 -5.28 6.73
N ARG A 54 -5.78 -5.93 5.91
CA ARG A 54 -4.87 -5.19 4.97
C ARG A 54 -5.73 -4.43 3.95
N ASP A 55 -6.53 -5.15 3.22
CA ASP A 55 -7.42 -4.62 2.15
C ASP A 55 -8.22 -3.42 2.62
N SER A 56 -8.95 -3.55 3.72
CA SER A 56 -9.73 -2.44 4.25
C SER A 56 -8.82 -1.25 4.55
N GLY A 57 -7.71 -1.53 5.17
CA GLY A 57 -6.73 -0.54 5.61
C GLY A 57 -6.25 0.32 4.42
N LEU A 58 -5.88 -0.32 3.35
CA LEU A 58 -5.41 0.31 2.12
C LEU A 58 -6.53 1.11 1.48
N VAL A 59 -7.70 0.52 1.37
CA VAL A 59 -8.88 1.16 0.78
C VAL A 59 -9.27 2.40 1.57
N ILE A 60 -9.43 2.27 2.88
CA ILE A 60 -9.82 3.40 3.74
C ILE A 60 -8.78 4.50 3.74
N LYS A 61 -7.50 4.15 3.68
CA LYS A 61 -6.46 5.22 3.66
C LYS A 61 -6.67 6.05 2.38
N THR A 62 -7.03 5.36 1.30
CA THR A 62 -7.31 6.04 0.04
C THR A 62 -8.52 6.92 0.17
N LEU A 63 -9.54 6.42 0.82
CA LEU A 63 -10.77 7.22 1.03
C LEU A 63 -10.50 8.42 1.91
N VAL A 64 -9.68 8.29 2.92
CA VAL A 64 -9.35 9.41 3.84
C VAL A 64 -8.61 10.51 3.08
N ASP A 65 -7.72 10.13 2.17
CA ASP A 65 -6.96 11.12 1.38
C ASP A 65 -7.92 11.88 0.47
N LEU A 66 -8.87 11.17 -0.14
CA LEU A 66 -9.87 11.85 -1.00
C LEU A 66 -10.72 12.78 -0.13
N PHE A 67 -11.14 12.28 1.03
CA PHE A 67 -11.98 13.05 1.95
C PHE A 67 -11.29 14.37 2.32
N ARG A 68 -10.04 14.24 2.72
CA ARG A 68 -9.24 15.38 3.13
C ARG A 68 -9.03 16.37 2.01
N ASN A 69 -9.13 15.93 0.79
CA ASN A 69 -8.98 16.77 -0.39
C ASN A 69 -10.34 17.30 -0.86
N GLY A 70 -11.41 17.16 -0.11
CA GLY A 70 -12.71 17.67 -0.51
C GLY A 70 -13.81 16.70 -0.75
N ASP A 71 -13.61 15.40 -0.81
CA ASP A 71 -14.72 14.44 -1.05
C ASP A 71 -15.40 14.23 0.32
N THR A 72 -16.10 15.25 0.77
CA THR A 72 -16.72 15.29 2.08
C THR A 72 -17.82 14.28 2.30
N ASP A 73 -18.41 13.80 1.23
CA ASP A 73 -19.45 12.78 1.28
C ASP A 73 -18.95 11.45 1.84
N LEU A 74 -17.67 11.21 1.92
CA LEU A 74 -17.14 9.94 2.41
C LEU A 74 -17.08 9.88 3.93
N LEU A 75 -17.48 10.94 4.60
CA LEU A 75 -17.38 10.96 6.07
C LEU A 75 -18.01 9.75 6.75
N SER A 76 -19.25 9.51 6.37
CA SER A 76 -20.04 8.43 6.99
C SER A 76 -19.37 7.11 6.72
N THR A 77 -18.78 6.88 5.58
CA THR A 77 -18.07 5.65 5.26
C THR A 77 -16.92 5.43 6.26
N ILE A 78 -16.11 6.46 6.43
CA ILE A 78 -14.95 6.42 7.32
C ILE A 78 -15.37 6.16 8.76
N GLU A 79 -16.36 6.89 9.23
CA GLU A 79 -16.86 6.70 10.59
C GLU A 79 -17.32 5.26 10.82
N HIS A 80 -18.05 4.70 9.88
CA HIS A 80 -18.58 3.33 9.98
C HIS A 80 -17.42 2.35 10.04
N TYR A 81 -16.37 2.65 9.29
CA TYR A 81 -15.16 1.83 9.30
C TYR A 81 -14.56 1.77 10.71
N ILE A 82 -14.33 2.93 11.31
CA ILE A 82 -13.72 3.05 12.64
C ILE A 82 -14.60 2.25 13.65
N SER A 83 -15.92 2.47 13.57
CA SER A 83 -16.82 1.78 14.49
C SER A 83 -16.71 0.26 14.37
N SER A 84 -16.62 -0.24 13.18
CA SER A 84 -16.54 -1.67 12.90
C SER A 84 -15.24 -2.24 13.42
N GLN A 85 -14.18 -1.43 13.39
CA GLN A 85 -12.85 -1.92 13.84
C GLN A 85 -12.77 -2.03 15.33
N ALA A 86 -13.51 -1.19 16.03
CA ALA A 86 -13.61 -1.21 17.49
C ALA A 86 -14.12 -2.60 17.89
N ILE A 87 -15.08 -3.09 17.09
CA ILE A 87 -15.65 -4.42 17.32
C ILE A 87 -14.67 -5.52 16.89
N ILE A 88 -14.20 -5.48 15.65
CA ILE A 88 -13.27 -6.51 15.12
C ILE A 88 -12.09 -6.73 16.05
N GLN A 89 -11.51 -5.65 16.57
CA GLN A 89 -10.33 -5.76 17.43
C GLN A 89 -10.50 -6.76 18.59
N GLY A 90 -11.73 -6.76 19.10
CA GLY A 90 -12.17 -7.57 20.20
C GLY A 90 -12.67 -8.95 19.87
N VAL A 91 -12.85 -9.27 18.61
CA VAL A 91 -13.33 -10.62 18.22
C VAL A 91 -12.17 -11.63 18.39
N SER A 92 -12.46 -12.65 19.15
CA SER A 92 -11.62 -13.79 19.44
C SER A 92 -11.58 -14.65 18.18
N ASN A 93 -10.40 -15.02 17.75
CA ASN A 93 -10.23 -15.77 16.47
C ASN A 93 -9.01 -16.67 16.61
N PRO A 94 -8.71 -17.45 15.59
CA PRO A 94 -7.57 -18.36 15.59
C PRO A 94 -6.24 -17.69 15.88
N SER A 95 -6.08 -16.38 15.68
CA SER A 95 -4.77 -15.76 16.02
C SER A 95 -4.73 -15.38 17.49
N GLY A 96 -5.83 -15.38 18.19
CA GLY A 96 -6.00 -15.05 19.59
C GLY A 96 -7.11 -14.03 19.82
N ASP A 97 -6.93 -13.30 20.92
CA ASP A 97 -7.84 -12.24 21.39
C ASP A 97 -7.16 -10.88 21.29
N LEU A 98 -7.83 -9.83 21.72
CA LEU A 98 -7.25 -8.50 21.61
C LEU A 98 -5.81 -8.42 22.11
N SER A 99 -5.61 -8.94 23.33
CA SER A 99 -4.27 -8.79 23.92
C SER A 99 -3.37 -9.97 23.71
N SER A 100 -3.82 -10.98 22.98
CA SER A 100 -2.96 -12.17 22.85
C SER A 100 -2.69 -12.60 21.44
N GLY A 101 -2.74 -11.70 20.47
CA GLY A 101 -2.43 -12.01 19.06
C GLY A 101 -3.59 -11.87 18.12
N GLY A 102 -4.79 -11.65 18.65
CA GLY A 102 -5.96 -11.54 17.82
C GLY A 102 -5.83 -10.55 16.66
N LEU A 103 -5.15 -9.45 16.91
CA LEU A 103 -4.97 -8.36 15.97
C LEU A 103 -4.27 -8.74 14.68
N GLY A 104 -3.57 -9.87 14.71
CA GLY A 104 -2.84 -10.36 13.57
C GLY A 104 -3.62 -11.17 12.57
N GLU A 105 -4.88 -11.45 12.87
CA GLU A 105 -5.76 -12.26 11.98
C GLU A 105 -5.98 -11.55 10.66
N PRO A 106 -5.73 -12.26 9.57
CA PRO A 106 -5.86 -11.74 8.22
C PRO A 106 -7.25 -11.34 7.78
N LYS A 107 -8.22 -12.23 7.92
CA LYS A 107 -9.58 -11.94 7.46
C LYS A 107 -10.65 -12.41 8.45
N PHE A 108 -11.82 -11.90 8.17
CA PHE A 108 -13.04 -12.17 8.96
C PHE A 108 -14.22 -12.28 7.99
N ASN A 109 -15.30 -12.83 8.51
CA ASN A 109 -16.57 -12.92 7.73
C ASN A 109 -17.10 -11.48 7.69
N VAL A 110 -17.84 -11.19 6.67
CA VAL A 110 -18.44 -9.86 6.42
C VAL A 110 -19.43 -9.48 7.52
N ASP A 111 -19.88 -10.41 8.31
CA ASP A 111 -20.83 -10.17 9.43
C ASP A 111 -20.09 -9.93 10.74
N GLU A 112 -18.78 -9.81 10.68
CA GLU A 112 -17.87 -9.54 11.78
C GLU A 112 -17.57 -10.69 12.71
N THR A 113 -17.82 -11.90 12.26
CA THR A 113 -17.54 -13.12 13.01
C THR A 113 -16.20 -13.63 12.48
N ALA A 114 -15.58 -14.47 13.27
CA ALA A 114 -14.28 -15.04 12.94
C ALA A 114 -14.35 -16.07 11.83
N TYR A 115 -13.27 -16.07 11.09
CA TYR A 115 -13.03 -17.04 10.03
C TYR A 115 -12.17 -18.10 10.75
N THR A 116 -12.80 -19.22 11.01
CA THR A 116 -12.23 -20.33 11.75
C THR A 116 -11.52 -21.37 10.95
N GLY A 117 -11.60 -21.40 9.64
CA GLY A 117 -10.86 -22.44 8.90
C GLY A 117 -9.38 -22.15 8.93
N SER A 118 -8.63 -23.00 8.27
CA SER A 118 -7.19 -22.90 8.11
C SER A 118 -6.87 -21.75 7.16
N TRP A 119 -5.82 -21.01 7.50
CA TRP A 119 -5.41 -19.88 6.66
C TRP A 119 -3.97 -19.52 7.00
N GLY A 120 -3.30 -18.82 6.10
CA GLY A 120 -1.90 -18.40 6.36
C GLY A 120 -2.03 -17.24 7.36
N ARG A 121 -1.90 -17.59 8.64
CA ARG A 121 -2.03 -16.55 9.68
C ARG A 121 -0.86 -16.65 10.64
N PRO A 122 -0.47 -15.58 11.28
CA PRO A 122 -1.00 -14.21 11.14
C PRO A 122 -0.31 -13.50 9.99
N GLN A 123 -0.74 -12.30 9.72
CA GLN A 123 -0.25 -11.34 8.72
C GLN A 123 -0.10 -10.07 9.54
N ARG A 124 1.13 -9.72 9.85
CA ARG A 124 1.49 -8.61 10.71
C ARG A 124 1.45 -7.24 10.10
N ASP A 125 1.14 -7.17 8.82
CA ASP A 125 1.02 -5.87 8.12
C ASP A 125 -0.32 -5.22 8.48
N GLY A 126 -1.33 -6.04 8.70
CA GLY A 126 -2.71 -5.68 9.03
C GLY A 126 -2.82 -4.54 10.01
N PRO A 127 -2.39 -4.81 11.24
CA PRO A 127 -2.41 -3.80 12.29
C PRO A 127 -1.76 -2.51 11.88
N ALA A 128 -0.67 -2.54 11.13
CA ALA A 128 0.08 -1.34 10.70
C ALA A 128 -0.71 -0.52 9.70
N LEU A 129 -1.36 -1.17 8.75
CA LEU A 129 -2.16 -0.52 7.71
C LEU A 129 -3.43 0.08 8.32
N ARG A 130 -4.05 -0.67 9.22
CA ARG A 130 -5.25 -0.12 9.88
C ARG A 130 -4.91 1.14 10.66
N ALA A 131 -3.84 1.11 11.44
CA ALA A 131 -3.42 2.31 12.23
C ALA A 131 -3.13 3.48 11.32
N THR A 132 -2.42 3.24 10.22
CA THR A 132 -2.11 4.33 9.26
C THR A 132 -3.41 4.96 8.75
N ALA A 133 -4.39 4.11 8.42
CA ALA A 133 -5.69 4.61 7.93
C ALA A 133 -6.38 5.47 8.98
N MET A 134 -6.39 5.08 10.24
CA MET A 134 -7.06 5.79 11.32
C MET A 134 -6.35 7.06 11.70
N ILE A 135 -5.03 7.02 11.75
CA ILE A 135 -4.24 8.23 12.08
C ILE A 135 -4.56 9.33 11.08
N GLY A 136 -4.70 8.98 9.80
CA GLY A 136 -5.02 9.96 8.76
C GLY A 136 -6.31 10.69 9.14
N PHE A 137 -7.30 9.91 9.53
CA PHE A 137 -8.59 10.51 9.95
C PHE A 137 -8.43 11.28 11.25
N GLY A 138 -7.72 10.76 12.23
CA GLY A 138 -7.46 11.40 13.52
C GLY A 138 -6.83 12.79 13.34
N GLN A 139 -5.91 12.88 12.40
CA GLN A 139 -5.23 14.14 12.06
C GLN A 139 -6.29 15.16 11.62
N TRP A 140 -7.15 14.76 10.70
CA TRP A 140 -8.25 15.62 10.23
C TRP A 140 -9.07 16.14 11.41
N LEU A 141 -9.49 15.21 12.28
CA LEU A 141 -10.30 15.52 13.46
C LEU A 141 -9.60 16.57 14.31
N LEU A 142 -8.32 16.38 14.56
CA LEU A 142 -7.58 17.35 15.38
C LEU A 142 -7.57 18.70 14.68
N ASP A 143 -7.32 18.72 13.38
CA ASP A 143 -7.26 19.98 12.62
C ASP A 143 -8.57 20.75 12.54
N ASN A 144 -9.69 20.05 12.52
CA ASN A 144 -11.02 20.65 12.40
C ASN A 144 -11.72 20.82 13.72
N GLY A 145 -11.01 20.72 14.82
CA GLY A 145 -11.50 20.90 16.15
C GLY A 145 -12.31 19.79 16.75
N TYR A 146 -12.13 18.56 16.31
CA TYR A 146 -12.89 17.45 16.94
C TYR A 146 -11.92 16.67 17.80
N THR A 147 -11.32 17.33 18.78
CA THR A 147 -10.32 16.79 19.68
C THR A 147 -10.78 15.55 20.42
N SER A 148 -11.97 15.60 20.95
CA SER A 148 -12.56 14.48 21.68
C SER A 148 -12.65 13.22 20.84
N ALA A 149 -13.15 13.32 19.62
CA ALA A 149 -13.30 12.15 18.74
C ALA A 149 -11.94 11.51 18.55
N ALA A 150 -10.93 12.32 18.30
CA ALA A 150 -9.56 11.90 18.08
C ALA A 150 -8.93 11.25 19.31
N THR A 151 -9.06 11.86 20.45
CA THR A 151 -8.48 11.41 21.71
C THR A 151 -9.19 10.20 22.30
N GLU A 152 -10.49 10.20 22.22
CA GLU A 152 -11.30 9.12 22.81
C GLU A 152 -11.67 7.96 21.93
N ILE A 153 -11.82 8.18 20.64
CA ILE A 153 -12.15 7.10 19.71
C ILE A 153 -10.91 6.63 18.96
N VAL A 154 -10.34 7.47 18.11
CA VAL A 154 -9.18 7.08 17.29
C VAL A 154 -7.94 6.66 18.05
N TRP A 155 -7.37 7.52 18.88
CA TRP A 155 -6.16 7.15 19.63
C TRP A 155 -6.23 5.77 20.27
N PRO A 156 -7.20 5.49 21.12
CA PRO A 156 -7.32 4.17 21.74
C PRO A 156 -7.31 3.03 20.76
N LEU A 157 -7.88 3.19 19.57
CA LEU A 157 -7.93 2.10 18.56
C LEU A 157 -6.53 1.88 18.00
N VAL A 158 -5.92 3.00 17.66
CA VAL A 158 -4.55 3.01 17.12
C VAL A 158 -3.61 2.41 18.15
N ARG A 159 -3.75 2.80 19.40
CA ARG A 159 -2.85 2.33 20.47
C ARG A 159 -2.75 0.81 20.50
N ASN A 160 -3.87 0.12 20.27
CA ASN A 160 -3.94 -1.33 20.23
C ASN A 160 -3.06 -1.89 19.09
N ASP A 161 -3.31 -1.36 17.89
CA ASP A 161 -2.58 -1.78 16.68
C ASP A 161 -1.10 -1.47 16.80
N LEU A 162 -0.75 -0.31 17.32
CA LEU A 162 0.67 0.04 17.48
C LEU A 162 1.34 -0.90 18.47
N SER A 163 0.59 -1.33 19.48
CA SER A 163 1.15 -2.23 20.51
C SER A 163 1.48 -3.56 19.87
N TYR A 164 0.58 -4.02 19.00
CA TYR A 164 0.84 -5.31 18.33
C TYR A 164 2.08 -5.21 17.46
N VAL A 165 2.23 -4.14 16.71
CA VAL A 165 3.37 -3.98 15.79
C VAL A 165 4.72 -4.02 16.53
N ALA A 166 4.83 -3.27 17.61
CA ALA A 166 6.06 -3.15 18.41
C ALA A 166 6.43 -4.43 19.11
N GLN A 167 5.41 -5.19 19.46
CA GLN A 167 5.57 -6.45 20.15
C GLN A 167 6.01 -7.60 19.27
N TYR A 168 5.55 -7.67 18.02
CA TYR A 168 5.85 -8.80 17.16
C TYR A 168 6.54 -8.54 15.86
N TRP A 169 7.00 -7.34 15.59
CA TRP A 169 7.66 -7.11 14.28
C TRP A 169 8.71 -8.15 13.94
N ASN A 170 9.49 -8.54 14.92
CA ASN A 170 10.62 -9.46 14.84
C ASN A 170 10.27 -10.93 14.85
N GLN A 171 9.08 -11.27 14.43
CA GLN A 171 8.61 -12.67 14.35
C GLN A 171 8.12 -12.93 12.92
N THR A 172 8.32 -14.14 12.44
CA THR A 172 7.85 -14.47 11.09
C THR A 172 6.32 -14.51 11.06
N GLY A 173 5.76 -14.55 9.87
CA GLY A 173 4.31 -14.61 9.61
C GLY A 173 4.13 -14.73 8.11
N TYR A 174 2.92 -14.55 7.62
CA TYR A 174 2.70 -14.69 6.17
C TYR A 174 2.77 -13.32 5.51
N ASP A 175 3.17 -13.34 4.26
CA ASP A 175 3.29 -12.11 3.43
C ASP A 175 1.91 -11.65 3.01
N LEU A 176 1.87 -10.55 2.27
CA LEU A 176 0.63 -9.97 1.77
C LEU A 176 -0.02 -10.88 0.76
N TRP A 177 0.73 -11.78 0.13
CA TRP A 177 0.10 -12.64 -0.90
C TRP A 177 -0.47 -13.87 -0.20
N GLU A 178 -0.23 -13.95 1.10
CA GLU A 178 -0.70 -15.00 2.00
C GLU A 178 -0.17 -16.39 1.72
N GLU A 179 1.09 -16.51 1.28
CA GLU A 179 1.64 -17.83 0.93
C GLU A 179 2.96 -18.18 1.54
N VAL A 180 3.79 -17.19 1.83
CA VAL A 180 5.13 -17.40 2.35
C VAL A 180 5.19 -17.09 3.84
N ASN A 181 5.51 -18.11 4.59
CA ASN A 181 5.69 -17.95 6.04
C ASN A 181 7.14 -17.49 6.25
N GLY A 182 7.38 -16.24 6.52
CA GLY A 182 8.77 -15.75 6.70
C GLY A 182 8.76 -14.31 7.19
N SER A 183 9.62 -13.51 6.60
CA SER A 183 9.78 -12.08 6.95
C SER A 183 9.76 -11.33 5.63
N SER A 184 8.80 -10.44 5.51
CA SER A 184 8.53 -9.75 4.22
C SER A 184 8.78 -8.27 4.24
N PHE A 185 9.27 -7.80 3.11
CA PHE A 185 9.64 -6.38 2.92
C PHE A 185 8.47 -5.45 3.14
N PHE A 186 7.40 -5.67 2.42
CA PHE A 186 6.18 -4.84 2.51
C PHE A 186 5.79 -4.66 3.97
N THR A 187 5.73 -5.73 4.72
CA THR A 187 5.32 -5.71 6.13
C THR A 187 6.24 -4.87 6.99
N ILE A 188 7.55 -5.14 6.90
CA ILE A 188 8.53 -4.41 7.71
C ILE A 188 8.42 -2.92 7.42
N ALA A 189 8.40 -2.62 6.15
CA ALA A 189 8.28 -1.26 5.62
C ALA A 189 7.08 -0.53 6.18
N VAL A 190 5.90 -1.13 6.02
CA VAL A 190 4.66 -0.50 6.51
C VAL A 190 4.62 -0.50 8.02
N GLN A 191 5.29 -1.42 8.67
CA GLN A 191 5.30 -1.44 10.14
C GLN A 191 6.15 -0.27 10.66
N HIS A 192 7.25 -0.01 9.94
CA HIS A 192 8.16 1.09 10.36
C HIS A 192 7.41 2.40 10.27
N ARG A 193 6.72 2.61 9.17
CA ARG A 193 5.93 3.83 8.94
C ARG A 193 4.89 4.05 10.02
N ALA A 194 4.10 3.04 10.35
CA ALA A 194 3.04 3.12 11.37
C ALA A 194 3.55 3.56 12.74
N LEU A 195 4.68 3.06 13.19
CA LEU A 195 5.22 3.45 14.53
C LEU A 195 5.61 4.90 14.56
N VAL A 196 6.20 5.37 13.47
CA VAL A 196 6.64 6.79 13.36
C VAL A 196 5.41 7.68 13.40
N GLU A 197 4.50 7.45 12.47
CA GLU A 197 3.29 8.29 12.46
C GLU A 197 2.48 8.11 13.72
N GLY A 198 2.51 6.92 14.32
CA GLY A 198 1.79 6.59 15.54
C GLY A 198 2.29 7.41 16.72
N SER A 199 3.61 7.56 16.74
CA SER A 199 4.29 8.35 17.78
C SER A 199 3.94 9.81 17.70
N ALA A 200 3.93 10.35 16.51
CA ALA A 200 3.56 11.78 16.34
C ALA A 200 2.09 12.00 16.71
N PHE A 201 1.23 11.08 16.34
CA PHE A 201 -0.21 11.15 16.63
C PHE A 201 -0.42 11.07 18.15
N ALA A 202 0.26 10.15 18.81
CA ALA A 202 0.19 10.05 20.27
C ALA A 202 0.52 11.39 20.91
N THR A 203 1.61 12.02 20.49
CA THR A 203 1.99 13.32 21.07
C THR A 203 0.91 14.36 20.80
N ALA A 204 0.41 14.36 19.56
CA ALA A 204 -0.62 15.34 19.19
C ALA A 204 -1.85 15.28 20.08
N VAL A 205 -2.21 14.13 20.61
CA VAL A 205 -3.40 13.97 21.45
C VAL A 205 -3.09 14.12 22.93
N GLY A 206 -1.86 14.41 23.28
CA GLY A 206 -1.40 14.61 24.66
C GLY A 206 -1.07 13.32 25.39
N SER A 207 -0.66 12.32 24.64
CA SER A 207 -0.30 11.01 25.23
C SER A 207 1.09 10.67 24.71
N SER A 208 1.49 9.41 24.75
CA SER A 208 2.82 9.01 24.26
C SER A 208 2.74 7.58 23.77
N CYS A 209 3.72 7.18 23.01
CA CYS A 209 3.89 5.87 22.45
C CYS A 209 5.37 5.48 22.62
N SER A 210 5.75 5.19 23.85
CA SER A 210 7.16 4.82 24.11
C SER A 210 7.59 3.66 23.23
N TRP A 211 6.75 2.67 23.07
CA TRP A 211 7.04 1.47 22.27
C TRP A 211 7.17 1.80 20.79
N CYS A 212 6.64 2.86 20.29
CA CYS A 212 6.78 3.31 18.91
C CYS A 212 8.23 3.84 18.76
N ASP A 213 8.65 4.63 19.72
CA ASP A 213 9.98 5.26 19.71
C ASP A 213 11.15 4.28 19.79
N SER A 214 11.10 3.34 20.70
CA SER A 214 12.22 2.41 20.80
C SER A 214 12.25 1.43 19.64
N GLN A 215 11.11 1.02 19.08
CA GLN A 215 11.12 0.01 18.00
C GLN A 215 11.29 0.51 16.60
N ALA A 216 10.82 1.68 16.29
CA ALA A 216 10.91 2.27 14.93
C ALA A 216 12.31 2.15 14.37
N PRO A 217 13.32 2.65 15.06
CA PRO A 217 14.73 2.62 14.63
C PRO A 217 15.24 1.22 14.41
N GLN A 218 14.77 0.26 15.19
CA GLN A 218 15.16 -1.14 15.05
C GLN A 218 14.50 -1.77 13.84
N ILE A 219 13.25 -1.37 13.58
CA ILE A 219 12.58 -1.89 12.37
C ILE A 219 13.36 -1.35 11.15
N LEU A 220 13.73 -0.07 11.17
CA LEU A 220 14.48 0.51 10.05
C LEU A 220 15.80 -0.23 9.82
N CYS A 221 16.52 -0.53 10.88
CA CYS A 221 17.78 -1.22 10.91
C CYS A 221 17.63 -2.55 10.18
N TYR A 222 16.61 -3.30 10.59
CA TYR A 222 16.29 -4.58 9.95
C TYR A 222 15.96 -4.44 8.47
N LEU A 223 15.17 -3.46 8.10
CA LEU A 223 14.77 -3.22 6.72
C LEU A 223 15.93 -3.20 5.71
N GLN A 224 17.06 -2.67 6.12
CA GLN A 224 18.29 -2.55 5.34
C GLN A 224 18.76 -3.90 4.83
N SER A 225 18.55 -4.99 5.53
CA SER A 225 18.97 -6.32 5.08
C SER A 225 18.19 -6.78 3.86
N PHE A 226 17.06 -6.16 3.51
CA PHE A 226 16.33 -6.68 2.33
C PHE A 226 17.04 -6.30 1.03
N TRP A 227 17.98 -5.37 1.10
CA TRP A 227 18.73 -4.94 -0.11
C TRP A 227 19.83 -5.99 -0.36
N THR A 228 19.87 -6.51 -1.57
CA THR A 228 20.82 -7.55 -1.91
C THR A 228 22.05 -7.02 -2.66
N GLY A 229 21.98 -5.79 -3.13
CA GLY A 229 23.02 -5.16 -3.93
C GLY A 229 22.46 -4.92 -5.34
N SER A 230 21.41 -5.64 -5.73
CA SER A 230 20.81 -5.53 -7.05
C SER A 230 19.33 -5.15 -7.07
N TYR A 231 18.62 -5.66 -6.11
CA TYR A 231 17.17 -5.48 -5.93
C TYR A 231 16.83 -5.73 -4.46
N ILE A 232 15.58 -5.49 -4.13
CA ILE A 232 15.01 -5.67 -2.79
C ILE A 232 14.43 -7.08 -2.71
N LEU A 233 14.91 -7.86 -1.78
CA LEU A 233 14.43 -9.23 -1.53
C LEU A 233 13.01 -9.09 -0.96
N ALA A 234 12.06 -9.78 -1.52
CA ALA A 234 10.65 -9.68 -1.08
C ALA A 234 10.41 -10.34 0.27
N ASN A 235 11.04 -11.49 0.47
CA ASN A 235 10.92 -12.29 1.68
C ASN A 235 12.18 -13.08 2.05
N PHE A 236 12.41 -13.20 3.34
CA PHE A 236 13.47 -14.10 3.83
C PHE A 236 12.71 -15.43 4.04
N ASP A 237 13.33 -16.55 4.03
CA ASP A 237 12.82 -17.89 4.25
C ASP A 237 12.04 -18.35 3.03
N SER A 238 12.44 -17.87 1.89
CA SER A 238 11.75 -18.26 0.63
C SER A 238 12.81 -18.82 -0.32
N SER A 239 12.42 -19.67 -1.23
CA SER A 239 13.36 -20.25 -2.19
C SER A 239 13.18 -19.63 -3.57
N ARG A 240 12.38 -18.60 -3.66
CA ARG A 240 12.13 -17.91 -4.95
C ARG A 240 13.27 -16.92 -5.20
N SER A 241 13.24 -16.31 -6.37
CA SER A 241 14.24 -15.30 -6.71
C SER A 241 14.14 -14.14 -5.74
N GLY A 242 12.93 -13.79 -5.32
CA GLY A 242 12.76 -12.65 -4.40
C GLY A 242 12.34 -11.38 -5.12
N LYS A 243 12.17 -11.49 -6.42
CA LYS A 243 11.73 -10.29 -7.23
C LYS A 243 10.20 -10.37 -7.13
N ASP A 244 9.62 -9.36 -6.54
CA ASP A 244 8.16 -9.36 -6.31
C ASP A 244 7.65 -7.94 -6.23
N THR A 245 6.46 -7.72 -6.80
CA THR A 245 5.81 -6.40 -6.75
C THR A 245 5.54 -6.00 -5.31
N ASN A 246 5.63 -6.92 -4.39
CA ASN A 246 5.56 -6.69 -2.94
C ASN A 246 6.44 -5.46 -2.63
N THR A 247 7.61 -5.44 -3.24
CA THR A 247 8.61 -4.36 -3.02
C THR A 247 8.23 -3.03 -3.62
N LEU A 248 7.47 -3.01 -4.69
CA LEU A 248 6.94 -1.78 -5.31
C LEU A 248 5.85 -1.20 -4.42
N LEU A 249 5.01 -2.09 -3.90
CA LEU A 249 3.90 -1.65 -3.00
C LEU A 249 4.46 -1.07 -1.74
N GLY A 250 5.49 -1.73 -1.23
CA GLY A 250 6.10 -1.21 0.02
C GLY A 250 6.60 0.19 -0.16
N SER A 251 7.17 0.48 -1.33
CA SER A 251 7.72 1.83 -1.60
C SER A 251 6.62 2.88 -1.77
N ILE A 252 5.60 2.56 -2.56
CA ILE A 252 4.53 3.51 -2.82
C ILE A 252 3.66 3.74 -1.63
N HIS A 253 3.49 2.73 -0.78
CA HIS A 253 2.62 2.92 0.42
C HIS A 253 3.35 3.55 1.57
N THR A 254 4.63 3.80 1.37
CA THR A 254 5.47 4.45 2.39
C THR A 254 6.13 5.70 1.79
N PHE A 255 5.65 6.11 0.63
CA PHE A 255 6.09 7.33 -0.05
C PHE A 255 5.75 8.55 0.84
N ASP A 256 6.73 9.40 1.04
CA ASP A 256 6.55 10.65 1.82
C ASP A 256 6.95 11.77 0.83
N PRO A 257 6.03 12.58 0.39
CA PRO A 257 6.31 13.67 -0.57
C PRO A 257 7.30 14.71 -0.07
N GLU A 258 7.64 14.68 1.21
CA GLU A 258 8.60 15.61 1.79
C GLU A 258 9.98 14.99 1.84
N ALA A 259 10.08 13.72 1.44
CA ALA A 259 11.35 12.99 1.48
C ALA A 259 12.18 13.19 0.23
N GLY A 260 13.48 13.06 0.43
CA GLY A 260 14.40 13.11 -0.75
C GLY A 260 14.39 11.62 -1.22
N CYS A 261 15.32 11.27 -2.06
CA CYS A 261 15.50 9.94 -2.64
C CYS A 261 16.33 9.09 -1.70
N ASP A 262 15.77 8.89 -0.50
CA ASP A 262 16.35 8.15 0.59
C ASP A 262 16.29 6.64 0.39
N ASP A 263 17.52 6.14 0.36
CA ASP A 263 17.80 4.73 0.19
C ASP A 263 17.40 3.98 1.47
N SER A 264 17.53 4.59 2.62
CA SER A 264 17.25 3.87 3.88
C SER A 264 15.79 3.50 4.06
N THR A 265 14.94 4.32 3.47
CA THR A 265 13.49 4.15 3.48
C THR A 265 12.96 3.69 2.16
N PHE A 266 13.81 3.35 1.20
CA PHE A 266 13.31 2.84 -0.10
C PHE A 266 12.28 3.73 -0.77
N GLN A 267 12.55 5.03 -0.77
CA GLN A 267 11.63 6.01 -1.42
C GLN A 267 11.60 5.75 -2.92
N PRO A 268 10.49 6.08 -3.56
CA PRO A 268 10.28 5.90 -4.99
C PRO A 268 11.42 6.35 -5.88
N CYS A 269 12.05 7.47 -5.58
CA CYS A 269 13.19 7.94 -6.38
C CYS A 269 14.52 7.39 -5.86
N SER A 270 14.57 6.75 -4.70
CA SER A 270 15.88 6.24 -4.21
C SER A 270 16.52 5.34 -5.27
N PRO A 271 17.84 5.46 -5.44
CA PRO A 271 18.57 4.65 -6.41
C PRO A 271 18.24 3.19 -6.22
N ARG A 272 18.09 2.73 -4.98
CA ARG A 272 17.79 1.30 -4.71
C ARG A 272 16.41 0.95 -5.23
N ALA A 273 15.43 1.82 -5.01
CA ALA A 273 14.05 1.58 -5.50
C ALA A 273 14.00 1.63 -7.02
N LEU A 274 14.79 2.51 -7.68
CA LEU A 274 14.79 2.52 -9.15
C LEU A 274 15.40 1.25 -9.70
N ALA A 275 16.52 0.86 -9.13
CA ALA A 275 17.20 -0.36 -9.58
C ALA A 275 16.23 -1.54 -9.45
N ASN A 276 15.55 -1.60 -8.30
CA ASN A 276 14.57 -2.65 -8.00
C ASN A 276 13.44 -2.67 -9.02
N HIS A 277 12.93 -1.49 -9.33
CA HIS A 277 11.84 -1.36 -10.32
C HIS A 277 12.19 -2.08 -11.61
N LYS A 278 13.43 -1.84 -12.09
CA LYS A 278 13.92 -2.45 -13.30
C LYS A 278 14.01 -3.98 -13.16
N GLU A 279 14.60 -4.43 -12.08
CA GLU A 279 14.68 -5.88 -11.84
C GLU A 279 13.34 -6.56 -11.83
N VAL A 280 12.37 -6.01 -11.10
CA VAL A 280 11.02 -6.54 -10.97
C VAL A 280 10.24 -6.53 -12.27
N VAL A 281 10.11 -5.43 -12.95
CA VAL A 281 9.36 -5.37 -14.22
C VAL A 281 9.98 -6.29 -15.28
N ASP A 282 11.30 -6.31 -15.39
CA ASP A 282 11.99 -7.10 -16.37
C ASP A 282 11.71 -8.59 -16.23
N SER A 283 11.43 -8.99 -15.01
CA SER A 283 11.19 -10.42 -14.71
C SER A 283 9.93 -10.94 -15.36
N PHE A 284 9.06 -10.10 -15.85
CA PHE A 284 7.81 -10.51 -16.50
C PHE A 284 7.82 -10.32 -18.01
N ARG A 285 8.86 -9.72 -18.54
CA ARG A 285 9.01 -9.40 -19.97
C ARG A 285 8.95 -10.62 -20.88
N SER A 286 9.63 -11.67 -20.47
CA SER A 286 9.63 -12.87 -21.37
C SER A 286 8.73 -13.99 -20.92
N ILE A 287 7.90 -13.82 -19.89
CA ILE A 287 7.08 -14.93 -19.42
C ILE A 287 5.62 -14.78 -19.76
N TYR A 288 5.23 -13.63 -20.27
CA TYR A 288 3.85 -13.40 -20.67
C TYR A 288 3.85 -13.07 -22.18
N THR A 289 3.08 -13.87 -22.87
CA THR A 289 2.83 -13.79 -24.30
C THR A 289 2.36 -12.39 -24.65
N LEU A 290 1.65 -11.83 -23.72
CA LEU A 290 1.09 -10.46 -23.83
C LEU A 290 2.20 -9.44 -24.00
N ASN A 291 3.38 -9.75 -23.53
CA ASN A 291 4.57 -8.89 -23.56
C ASN A 291 5.49 -9.13 -24.73
N ASP A 292 5.16 -10.07 -25.58
CA ASP A 292 5.92 -10.40 -26.78
C ASP A 292 6.09 -9.16 -27.67
N GLY A 293 7.34 -8.90 -28.05
CA GLY A 293 7.67 -7.81 -28.95
C GLY A 293 7.94 -6.45 -28.38
N LEU A 294 7.68 -6.21 -27.10
CA LEU A 294 7.95 -4.88 -26.53
C LEU A 294 9.44 -4.83 -26.23
N SER A 295 10.01 -3.67 -26.36
CA SER A 295 11.44 -3.48 -26.06
C SER A 295 11.56 -3.04 -24.59
N ASP A 296 12.77 -3.00 -24.12
CA ASP A 296 13.13 -2.61 -22.76
C ASP A 296 12.82 -1.15 -22.43
N SER A 297 12.27 -0.41 -23.37
CA SER A 297 11.94 1.00 -23.02
C SER A 297 10.43 1.18 -23.05
N GLU A 298 9.77 0.05 -23.18
CA GLU A 298 8.32 -0.06 -23.20
C GLU A 298 7.82 -0.80 -21.97
N ALA A 299 6.69 -0.27 -21.52
CA ALA A 299 5.93 -0.77 -20.38
C ALA A 299 5.39 -2.15 -20.72
N VAL A 300 5.23 -2.97 -19.70
CA VAL A 300 4.75 -4.35 -19.88
C VAL A 300 3.71 -4.68 -18.80
N ALA A 301 3.01 -5.80 -19.04
CA ALA A 301 2.01 -6.27 -18.07
C ALA A 301 2.82 -6.89 -16.92
N VAL A 302 2.51 -6.45 -15.73
CA VAL A 302 3.16 -6.86 -14.50
C VAL A 302 2.28 -7.71 -13.59
N GLY A 303 2.89 -8.76 -13.06
CA GLY A 303 2.32 -9.74 -12.14
C GLY A 303 2.85 -9.53 -10.74
N ARG A 304 2.65 -10.54 -9.88
CA ARG A 304 3.13 -10.46 -8.48
C ARG A 304 4.62 -10.82 -8.35
N TYR A 305 4.98 -12.01 -8.78
CA TYR A 305 6.35 -12.55 -8.78
C TYR A 305 6.44 -13.49 -9.98
N PRO A 306 7.61 -13.61 -10.60
CA PRO A 306 7.76 -14.44 -11.80
C PRO A 306 7.44 -15.90 -11.60
N GLU A 307 7.48 -16.32 -10.33
CA GLU A 307 7.23 -17.75 -10.05
C GLU A 307 5.79 -18.07 -9.79
N ASP A 308 4.87 -17.16 -9.77
CA ASP A 308 3.44 -17.33 -9.50
C ASP A 308 2.74 -18.34 -10.39
N SER A 309 1.97 -19.22 -9.79
CA SER A 309 1.16 -20.23 -10.43
C SER A 309 -0.37 -20.03 -10.17
N TYR A 310 -0.70 -19.08 -9.35
CA TYR A 310 -2.10 -18.76 -9.04
C TYR A 310 -2.81 -18.45 -10.34
N TYR A 311 -3.76 -19.31 -10.69
CA TYR A 311 -4.53 -19.21 -11.92
C TYR A 311 -3.62 -19.25 -13.13
N ASN A 312 -2.43 -19.80 -12.93
CA ASN A 312 -1.37 -19.96 -13.90
C ASN A 312 -0.32 -18.85 -13.82
N GLY A 313 -0.54 -17.83 -13.01
CA GLY A 313 0.45 -16.73 -12.91
C GLY A 313 0.17 -15.79 -14.10
N ASN A 314 -0.50 -14.71 -13.81
CA ASN A 314 -0.90 -13.71 -14.81
C ASN A 314 -0.59 -12.31 -14.28
N PRO A 315 -0.64 -11.34 -15.16
CA PRO A 315 -0.47 -9.93 -14.74
C PRO A 315 -1.62 -9.58 -13.77
N TRP A 316 -1.40 -8.61 -12.88
CA TRP A 316 -2.46 -8.15 -11.97
C TRP A 316 -2.67 -6.66 -12.22
N PHE A 317 -3.89 -6.16 -12.20
CA PHE A 317 -4.19 -4.76 -12.39
C PHE A 317 -3.42 -3.92 -11.38
N LEU A 318 -3.44 -4.34 -10.12
CA LEU A 318 -2.82 -3.59 -9.06
C LEU A 318 -1.30 -3.57 -9.13
N CYS A 319 -0.73 -4.61 -9.67
CA CYS A 319 0.74 -4.73 -9.80
C CYS A 319 1.23 -3.84 -10.92
N THR A 320 0.48 -3.87 -12.02
CA THR A 320 0.79 -3.03 -13.19
C THR A 320 0.67 -1.57 -12.80
N LEU A 321 -0.34 -1.25 -11.99
CA LEU A 321 -0.58 0.13 -11.55
C LEU A 321 0.49 0.60 -10.59
N ALA A 322 1.02 -0.28 -9.77
CA ALA A 322 2.07 0.05 -8.80
C ALA A 322 3.34 0.43 -9.56
N ALA A 323 3.61 -0.26 -10.64
CA ALA A 323 4.82 -0.02 -11.47
C ALA A 323 4.77 1.41 -11.98
N ALA A 324 3.57 1.90 -12.27
CA ALA A 324 3.43 3.25 -12.76
C ALA A 324 3.39 4.24 -11.61
N GLU A 325 2.76 3.91 -10.49
CA GLU A 325 2.67 4.86 -9.38
C GLU A 325 4.04 5.22 -8.82
N GLN A 326 4.96 4.27 -8.76
CA GLN A 326 6.31 4.50 -8.25
C GLN A 326 7.01 5.58 -9.09
N LEU A 327 6.81 5.54 -10.40
CA LEU A 327 7.36 6.50 -11.37
C LEU A 327 6.73 7.86 -11.23
N TYR A 328 5.43 7.91 -11.05
CA TYR A 328 4.77 9.21 -10.83
C TYR A 328 5.28 9.87 -9.56
N ASP A 329 5.59 9.07 -8.57
CA ASP A 329 6.10 9.46 -7.24
C ASP A 329 7.49 10.06 -7.37
N ALA A 330 8.34 9.35 -8.08
CA ALA A 330 9.72 9.78 -8.39
C ALA A 330 9.68 11.08 -9.20
N LEU A 331 8.81 11.22 -10.18
CA LEU A 331 8.74 12.47 -10.98
C LEU A 331 8.43 13.64 -10.07
N TYR A 332 7.49 13.38 -9.18
CA TYR A 332 7.07 14.42 -8.19
C TYR A 332 8.27 14.84 -7.35
N GLN A 333 8.99 13.87 -6.81
CA GLN A 333 10.16 14.08 -5.95
C GLN A 333 11.26 14.87 -6.65
N TRP A 334 11.63 14.47 -7.85
CA TRP A 334 12.65 15.17 -8.65
C TRP A 334 12.21 16.61 -8.92
N ASP A 335 10.93 16.74 -9.25
CA ASP A 335 10.38 18.07 -9.51
C ASP A 335 10.50 18.94 -8.27
N LYS A 336 10.18 18.45 -7.09
CA LYS A 336 10.26 19.28 -5.88
C LYS A 336 11.69 19.60 -5.49
N GLN A 337 12.60 18.67 -5.65
CA GLN A 337 14.01 18.87 -5.33
C GLN A 337 14.64 19.80 -6.40
N GLY A 338 14.14 19.76 -7.61
CA GLY A 338 14.70 20.59 -8.66
C GLY A 338 15.91 19.95 -9.31
N SER A 339 16.10 18.67 -9.09
CA SER A 339 17.23 17.93 -9.72
C SER A 339 16.98 16.43 -9.57
N LEU A 340 17.77 15.71 -10.30
CA LEU A 340 17.71 14.22 -10.33
C LEU A 340 19.17 13.79 -10.41
N GLU A 341 19.44 12.67 -9.78
CA GLU A 341 20.81 12.12 -9.78
C GLU A 341 20.83 10.71 -10.33
N ILE A 342 21.85 10.43 -11.14
CA ILE A 342 22.06 9.08 -11.66
C ILE A 342 23.34 8.61 -10.95
N THR A 343 23.26 7.43 -10.38
CA THR A 343 24.35 6.77 -9.67
C THR A 343 24.59 5.44 -10.36
N ASP A 344 25.63 4.75 -9.94
CA ASP A 344 25.95 3.44 -10.53
C ASP A 344 24.86 2.41 -10.23
N VAL A 345 24.19 2.54 -9.10
CA VAL A 345 23.12 1.61 -8.71
C VAL A 345 21.92 1.76 -9.68
N SER A 346 21.52 2.99 -9.94
CA SER A 346 20.40 3.28 -10.81
C SER A 346 20.72 3.51 -12.27
N LEU A 347 21.96 3.44 -12.72
CA LEU A 347 22.28 3.68 -14.12
C LEU A 347 21.44 2.86 -15.12
N ASP A 348 21.26 1.61 -14.83
CA ASP A 348 20.55 0.66 -15.68
C ASP A 348 19.10 1.05 -15.88
N PHE A 349 18.47 1.53 -14.82
CA PHE A 349 17.07 1.99 -14.90
C PHE A 349 17.00 3.13 -15.95
N PHE A 350 17.89 4.10 -15.79
CA PHE A 350 17.94 5.29 -16.61
C PHE A 350 18.34 4.99 -18.06
N LYS A 351 19.41 4.25 -18.19
CA LYS A 351 19.98 3.87 -19.47
C LYS A 351 19.02 3.15 -20.40
N ALA A 352 18.16 2.32 -19.85
CA ALA A 352 17.13 1.59 -20.63
C ALA A 352 16.10 2.55 -21.22
N LEU A 353 15.91 3.73 -20.65
CA LEU A 353 14.95 4.69 -21.15
C LEU A 353 15.60 5.85 -21.90
N TYR A 354 16.84 6.13 -21.59
CA TYR A 354 17.59 7.25 -22.20
C TYR A 354 19.00 6.77 -22.39
N SER A 355 19.27 6.27 -23.59
CA SER A 355 20.61 5.69 -23.85
C SER A 355 21.78 6.60 -23.61
N GLY A 356 21.64 7.89 -23.52
CA GLY A 356 22.83 8.73 -23.24
C GLY A 356 22.98 8.96 -21.74
N ALA A 357 22.27 8.19 -20.91
CA ALA A 357 22.33 8.36 -19.46
C ALA A 357 23.77 8.13 -19.00
N ALA A 358 24.17 8.95 -18.07
CA ALA A 358 25.52 8.86 -17.47
C ALA A 358 25.37 9.33 -16.02
N THR A 359 26.20 8.80 -15.14
CA THR A 359 26.07 9.23 -13.72
C THR A 359 26.35 10.71 -13.62
N GLY A 360 25.84 11.35 -12.61
CA GLY A 360 26.00 12.79 -12.37
C GLY A 360 24.69 13.33 -11.79
N THR A 361 24.66 14.62 -11.60
CA THR A 361 23.53 15.37 -11.06
C THR A 361 23.01 16.28 -12.17
N TYR A 362 21.71 16.20 -12.35
CA TYR A 362 21.06 16.97 -13.41
C TYR A 362 20.02 17.91 -12.88
N SER A 363 20.31 19.21 -13.02
CA SER A 363 19.32 20.21 -12.56
C SER A 363 18.10 20.18 -13.46
N SER A 364 17.00 20.70 -12.94
CA SER A 364 15.70 20.71 -13.65
C SER A 364 15.68 21.59 -14.89
N SER A 365 16.69 22.44 -15.09
CA SER A 365 16.71 23.28 -16.29
C SER A 365 17.60 22.67 -17.37
N SER A 366 18.22 21.56 -17.09
CA SER A 366 19.15 20.90 -17.98
C SER A 366 18.42 20.08 -19.02
N SER A 367 19.13 19.85 -20.13
CA SER A 367 18.64 19.06 -21.24
C SER A 367 18.51 17.60 -20.82
N THR A 368 19.45 17.07 -20.07
CA THR A 368 19.38 15.66 -19.69
C THR A 368 18.13 15.39 -18.85
N TYR A 369 17.87 16.28 -17.93
CA TYR A 369 16.73 16.20 -17.02
C TYR A 369 15.43 16.11 -17.84
N SER A 370 15.29 17.12 -18.67
CA SER A 370 14.15 17.25 -19.55
C SER A 370 13.86 16.00 -20.37
N SER A 371 14.90 15.36 -20.84
CA SER A 371 14.88 14.15 -21.64
C SER A 371 14.55 12.91 -20.80
N ILE A 372 15.09 12.85 -19.59
CA ILE A 372 14.84 11.75 -18.67
C ILE A 372 13.39 11.81 -18.18
N VAL A 373 12.95 12.96 -17.68
CA VAL A 373 11.58 13.08 -17.19
C VAL A 373 10.53 12.81 -18.25
N SER A 374 10.67 13.24 -19.49
CA SER A 374 9.70 12.94 -20.55
C SER A 374 9.62 11.41 -20.75
N ALA A 375 10.77 10.78 -20.84
CA ALA A 375 10.88 9.34 -21.05
C ALA A 375 10.25 8.56 -19.88
N VAL A 376 10.49 9.01 -18.66
CA VAL A 376 9.95 8.31 -17.47
C VAL A 376 8.41 8.42 -17.45
N LYS A 377 7.94 9.60 -17.78
CA LYS A 377 6.50 9.90 -17.80
C LYS A 377 5.79 9.02 -18.80
N THR A 378 6.39 8.85 -19.95
CA THR A 378 5.86 8.06 -21.07
C THR A 378 5.82 6.58 -20.72
N PHE A 379 6.83 6.16 -20.01
CA PHE A 379 6.98 4.75 -19.56
C PHE A 379 5.91 4.48 -18.48
N ALA A 380 5.81 5.37 -17.50
CA ALA A 380 4.78 5.26 -16.47
C ALA A 380 3.38 5.19 -17.12
N ASP A 381 3.04 6.08 -18.02
CA ASP A 381 1.75 6.10 -18.73
C ASP A 381 1.50 4.80 -19.51
N GLY A 382 2.56 4.21 -20.01
CA GLY A 382 2.54 2.96 -20.76
C GLY A 382 1.85 1.88 -19.91
N PHE A 383 2.21 1.79 -18.65
CA PHE A 383 1.64 0.79 -17.74
C PHE A 383 0.14 1.06 -17.59
N VAL A 384 -0.22 2.31 -17.40
CA VAL A 384 -1.62 2.66 -17.24
C VAL A 384 -2.43 2.27 -18.49
N SER A 385 -1.87 2.43 -19.65
CA SER A 385 -2.49 2.09 -20.94
C SER A 385 -2.82 0.61 -21.04
N ILE A 386 -1.93 -0.19 -20.45
CA ILE A 386 -2.13 -1.64 -20.46
C ILE A 386 -3.39 -1.96 -19.66
N VAL A 387 -3.57 -1.25 -18.57
CA VAL A 387 -4.73 -1.42 -17.69
C VAL A 387 -5.99 -1.07 -18.45
N GLU A 388 -5.97 0.11 -19.01
CA GLU A 388 -7.08 0.64 -19.80
C GLU A 388 -7.42 -0.29 -20.93
N THR A 389 -6.45 -0.90 -21.57
CA THR A 389 -6.67 -1.82 -22.69
C THR A 389 -7.41 -3.07 -22.27
N HIS A 390 -7.19 -3.50 -21.03
CA HIS A 390 -7.78 -4.74 -20.53
C HIS A 390 -8.94 -4.59 -19.57
N ALA A 391 -9.31 -3.38 -19.21
CA ALA A 391 -10.48 -3.14 -18.34
C ALA A 391 -11.74 -3.54 -19.15
N ALA A 392 -12.82 -3.87 -18.48
CA ALA A 392 -14.08 -4.20 -19.18
C ALA A 392 -14.59 -2.88 -19.75
N SER A 393 -15.42 -2.92 -20.76
CA SER A 393 -15.95 -1.71 -21.38
C SER A 393 -16.63 -0.80 -20.37
N ASN A 394 -17.19 -1.36 -19.31
CA ASN A 394 -17.88 -0.43 -18.37
C ASN A 394 -16.91 0.02 -17.29
N GLY A 395 -15.64 -0.36 -17.37
CA GLY A 395 -14.67 0.04 -16.40
C GLY A 395 -14.38 -0.93 -15.28
N SER A 396 -15.05 -2.06 -15.23
CA SER A 396 -14.83 -3.05 -14.18
C SER A 396 -13.38 -3.53 -14.19
N LEU A 397 -12.85 -3.56 -12.97
CA LEU A 397 -11.47 -4.03 -12.77
C LEU A 397 -11.54 -5.28 -11.85
N SER A 398 -11.00 -6.30 -12.41
CA SER A 398 -10.81 -7.64 -11.90
C SER A 398 -9.49 -7.70 -11.12
N GLU A 399 -9.21 -8.88 -10.61
CA GLU A 399 -7.96 -9.13 -9.92
C GLU A 399 -6.83 -9.29 -10.95
N GLN A 400 -7.02 -10.14 -11.94
CA GLN A 400 -6.02 -10.43 -12.95
C GLN A 400 -6.56 -10.28 -14.36
N PHE A 401 -5.63 -10.32 -15.29
CA PHE A 401 -5.93 -10.26 -16.75
C PHE A 401 -4.98 -11.34 -17.31
N ASP A 402 -5.52 -12.10 -18.22
CA ASP A 402 -4.86 -13.25 -18.82
C ASP A 402 -3.53 -12.92 -19.46
N LYS A 403 -2.55 -13.73 -19.13
CA LYS A 403 -1.16 -13.65 -19.60
C LYS A 403 -1.02 -13.77 -21.12
N SER A 404 -1.99 -14.37 -21.77
CA SER A 404 -2.02 -14.58 -23.20
C SER A 404 -3.03 -13.73 -23.97
N ASP A 405 -4.27 -13.68 -23.52
CA ASP A 405 -5.28 -12.90 -24.26
C ASP A 405 -5.69 -11.61 -23.55
N GLY A 406 -5.26 -11.38 -22.33
CA GLY A 406 -5.65 -10.14 -21.64
C GLY A 406 -7.04 -10.13 -21.06
N ASP A 407 -7.75 -11.24 -21.13
CA ASP A 407 -9.12 -11.34 -20.56
C ASP A 407 -9.04 -11.27 -19.02
N GLU A 408 -10.09 -10.72 -18.46
CA GLU A 408 -10.22 -10.60 -17.00
C GLU A 408 -10.47 -11.97 -16.40
N LEU A 409 -9.89 -12.24 -15.26
CA LEU A 409 -10.04 -13.54 -14.58
C LEU A 409 -9.90 -13.34 -13.08
N SER A 410 -10.11 -14.42 -12.34
CA SER A 410 -10.07 -14.41 -10.88
C SER A 410 -11.18 -13.51 -10.33
N ALA A 411 -11.07 -13.00 -9.14
CA ALA A 411 -12.11 -12.19 -8.48
C ALA A 411 -12.55 -10.99 -9.26
N ARG A 412 -13.84 -10.82 -9.45
CA ARG A 412 -14.39 -9.67 -10.20
C ARG A 412 -14.55 -8.48 -9.26
N ASP A 413 -14.61 -7.29 -9.86
CA ASP A 413 -14.78 -6.05 -9.11
C ASP A 413 -13.97 -6.04 -7.80
N LEU A 414 -12.67 -6.26 -7.95
CA LEU A 414 -11.75 -6.29 -6.81
C LEU A 414 -11.52 -4.87 -6.30
N THR A 415 -11.96 -4.68 -5.06
CA THR A 415 -11.86 -3.38 -4.38
C THR A 415 -10.45 -2.79 -4.44
N TRP A 416 -9.49 -3.65 -4.21
CA TRP A 416 -8.06 -3.22 -4.22
C TRP A 416 -7.66 -2.72 -5.59
N SER A 417 -8.13 -3.34 -6.66
CA SER A 417 -7.86 -2.90 -8.04
C SER A 417 -8.34 -1.46 -8.20
N TYR A 418 -9.53 -1.16 -7.71
CA TYR A 418 -10.07 0.19 -7.80
C TYR A 418 -9.27 1.19 -6.99
N ALA A 419 -8.89 0.87 -5.78
CA ALA A 419 -8.11 1.80 -4.94
C ALA A 419 -6.75 2.07 -5.58
N ALA A 420 -6.14 1.07 -6.18
CA ALA A 420 -4.84 1.21 -6.88
C ALA A 420 -4.99 2.16 -8.07
N LEU A 421 -6.16 2.15 -8.70
CA LEU A 421 -6.43 3.04 -9.84
C LEU A 421 -6.48 4.48 -9.31
N LEU A 422 -7.25 4.68 -8.25
CA LEU A 422 -7.39 6.02 -7.67
C LEU A 422 -6.07 6.62 -7.30
N THR A 423 -5.21 5.86 -6.62
CA THR A 423 -3.90 6.40 -6.20
C THR A 423 -2.97 6.64 -7.37
N ALA A 424 -2.91 5.76 -8.36
CA ALA A 424 -2.04 5.97 -9.52
C ALA A 424 -2.47 7.26 -10.22
N ASN A 425 -3.76 7.43 -10.37
CA ASN A 425 -4.30 8.64 -11.00
C ASN A 425 -3.93 9.89 -10.22
N ASN A 426 -4.08 9.85 -8.91
CA ASN A 426 -3.77 11.00 -8.05
C ASN A 426 -2.32 11.44 -8.24
N ARG A 427 -1.42 10.49 -8.16
CA ARG A 427 0.01 10.73 -8.26
C ARG A 427 0.39 11.32 -9.61
N ARG A 428 -0.26 10.78 -10.62
CA ARG A 428 -0.11 11.22 -12.00
C ARG A 428 -0.43 12.71 -12.10
N ASN A 429 -1.36 13.14 -11.29
CA ASN A 429 -1.87 14.49 -11.20
C ASN A 429 -1.16 15.31 -10.15
N SER A 430 -0.12 14.78 -9.52
CA SER A 430 0.63 15.49 -8.48
C SER A 430 -0.21 15.67 -7.23
N VAL A 431 -1.11 14.75 -6.97
CA VAL A 431 -1.92 14.76 -5.75
C VAL A 431 -1.25 13.72 -4.84
N VAL A 432 -0.62 14.23 -3.81
CA VAL A 432 0.12 13.37 -2.87
C VAL A 432 -0.50 13.34 -1.50
N PRO A 433 -0.16 12.28 -0.77
CA PRO A 433 -0.69 12.09 0.58
C PRO A 433 0.10 12.94 1.55
N PRO A 434 -0.50 13.15 2.71
CA PRO A 434 0.15 13.89 3.79
C PRO A 434 1.44 13.16 4.17
N SER A 435 2.40 13.94 4.62
CA SER A 435 3.71 13.41 5.03
C SER A 435 3.55 12.56 6.28
N TRP A 436 4.45 11.61 6.53
CA TRP A 436 4.35 10.74 7.72
C TRP A 436 5.54 10.95 8.65
N GLY A 437 6.40 11.91 8.33
CA GLY A 437 7.54 12.21 9.18
C GLY A 437 8.80 11.50 8.79
N GLU A 438 8.93 11.05 7.56
CA GLU A 438 10.10 10.33 7.07
C GLU A 438 11.39 11.13 7.27
N THR A 439 11.30 12.45 7.20
CA THR A 439 12.52 13.26 7.32
C THR A 439 13.17 13.19 8.68
N SER A 440 12.46 12.67 9.66
CA SER A 440 13.07 12.52 10.99
C SER A 440 13.10 11.05 11.36
N ALA A 441 12.95 10.17 10.38
CA ALA A 441 12.92 8.74 10.66
C ALA A 441 13.55 7.92 9.54
N SER A 442 14.69 8.42 9.07
CA SER A 442 15.40 7.66 8.02
C SER A 442 16.83 7.38 8.49
N SER A 443 17.16 7.67 9.70
CA SER A 443 18.51 7.43 10.25
C SER A 443 18.65 6.00 10.75
N VAL A 444 19.60 5.25 10.24
CA VAL A 444 19.83 3.84 10.62
C VAL A 444 20.78 3.75 11.82
N PRO A 445 20.36 2.98 12.80
CA PRO A 445 21.19 2.75 13.98
C PRO A 445 22.43 1.95 13.57
N GLY A 446 23.51 2.19 14.30
CA GLY A 446 24.81 1.57 14.13
C GLY A 446 24.78 0.07 14.23
N THR A 447 23.93 -0.45 15.08
CA THR A 447 23.82 -1.91 15.28
C THR A 447 22.36 -2.32 15.39
N CYS A 448 21.95 -3.35 14.69
CA CYS A 448 20.59 -3.88 14.75
C CYS A 448 20.53 -4.94 15.87
N ALA A 449 19.45 -4.90 16.62
CA ALA A 449 19.12 -5.81 17.70
C ALA A 449 17.78 -6.51 17.39
N ALA A 450 17.75 -7.77 17.70
CA ALA A 450 16.52 -8.58 17.50
C ALA A 450 15.77 -8.25 18.80
N THR A 451 14.72 -7.47 18.73
CA THR A 451 14.03 -7.07 19.98
C THR A 451 12.54 -6.81 19.77
N SER A 452 11.90 -6.30 20.80
CA SER A 452 10.50 -5.94 20.87
C SER A 452 10.29 -5.03 22.08
N ALA A 453 9.10 -4.52 22.22
CA ALA A 453 8.60 -3.67 23.30
C ALA A 453 7.10 -4.05 23.40
N SER A 454 6.67 -4.19 24.61
CA SER A 454 5.29 -4.54 24.92
C SER A 454 4.60 -3.22 25.25
N GLY A 455 3.48 -2.99 24.57
CA GLY A 455 2.73 -1.75 24.74
C GLY A 455 1.58 -2.00 25.72
N THR A 456 0.39 -1.76 25.24
CA THR A 456 -0.79 -1.91 26.11
C THR A 456 -2.03 -2.20 25.31
N TYR A 457 -2.90 -3.00 25.91
CA TYR A 457 -4.15 -3.36 25.22
C TYR A 457 -5.35 -2.98 26.08
N SER A 458 -6.36 -2.44 25.42
CA SER A 458 -7.60 -2.07 26.09
C SER A 458 -8.73 -1.99 25.05
N SER A 459 -9.84 -2.63 25.37
CA SER A 459 -11.00 -2.65 24.48
C SER A 459 -11.70 -1.30 24.35
N VAL A 460 -11.96 -0.90 23.11
CA VAL A 460 -12.64 0.36 22.81
C VAL A 460 -14.12 0.11 22.45
N THR A 461 -14.93 0.98 23.03
CA THR A 461 -16.40 0.97 22.82
C THR A 461 -16.76 2.31 22.19
N VAL A 462 -17.36 2.25 21.03
CA VAL A 462 -17.70 3.52 20.34
C VAL A 462 -19.21 3.70 20.58
N THR A 463 -19.52 4.38 21.68
CA THR A 463 -20.90 4.67 22.07
C THR A 463 -21.66 5.40 20.96
N SER A 464 -21.12 6.58 20.65
CA SER A 464 -21.63 7.54 19.67
C SER A 464 -20.51 8.34 19.03
N TRP A 465 -20.84 8.88 17.87
CA TRP A 465 -20.00 9.75 17.07
C TRP A 465 -20.56 11.17 17.24
N PRO A 466 -19.67 12.12 17.48
CA PRO A 466 -20.09 13.53 17.59
C PRO A 466 -20.64 13.95 16.23
N SER A 467 -21.43 15.01 16.24
CA SER A 467 -22.02 15.50 14.98
C SER A 467 -20.93 16.31 14.28
N ILE A 468 -20.18 15.60 13.45
CA ILE A 468 -19.09 16.12 12.64
C ILE A 468 -19.67 16.63 11.32
N VAL A 469 -19.24 17.82 10.99
CA VAL A 469 -19.64 18.50 9.74
C VAL A 469 -18.37 18.71 8.93
N ALA A 470 -18.45 18.40 7.65
CA ALA A 470 -17.31 18.54 6.73
C ALA A 470 -17.80 19.41 5.56
C1 NAG B . 14.82 -10.03 13.98
C2 NAG B . 14.83 -10.71 12.62
C3 NAG B . 16.23 -11.19 12.28
C4 NAG B . 17.17 -10.03 12.28
C5 NAG B . 17.17 -9.38 13.65
C6 NAG B . 18.06 -8.16 13.75
C7 NAG B . 12.63 -11.73 12.10
C8 NAG B . 11.86 -13.09 11.92
N2 NAG B . 13.90 -11.83 12.54
O3 NAG B . 16.26 -11.79 10.95
O4 NAG B . 18.51 -10.45 12.10
O5 NAG B . 15.81 -8.98 13.99
O6 NAG B . 17.74 -7.05 12.94
O7 NAG B . 12.11 -10.63 11.91
C1 NAG B . 19.08 -10.12 10.88
C2 NAG B . 20.60 -10.20 11.03
C3 NAG B . 21.29 -10.03 9.67
C4 NAG B . 20.70 -10.94 8.62
C5 NAG B . 19.18 -10.78 8.55
C6 NAG B . 18.53 -11.84 7.67
C7 NAG B . 21.62 -9.39 13.08
C8 NAG B . 22.10 -8.17 13.91
N2 NAG B . 21.08 -9.11 11.89
O3 NAG B . 22.63 -10.46 9.88
O4 NAG B . 21.36 -10.68 7.37
O5 NAG B . 18.68 -11.04 9.87
O6 NAG B . 19.01 -13.12 8.16
O7 NAG B . 21.71 -10.57 13.48
C1 MAN B . 21.96 -11.82 6.82
C2 MAN B . 21.67 -11.84 5.33
C3 MAN B . 22.45 -12.98 4.67
C4 MAN B . 23.94 -12.82 4.91
C5 MAN B . 24.21 -12.73 6.42
C6 MAN B . 25.64 -12.30 6.72
O2 MAN B . 22.07 -10.64 4.68
O3 MAN B . 22.23 -13.05 3.24
O4 MAN B . 24.62 -13.96 4.42
O5 MAN B . 23.36 -11.76 7.06
O6 MAN B . 25.85 -11.96 8.09
C1 MAN B . 20.96 -13.38 2.81
C2 MAN B . 20.92 -14.13 1.48
C3 MAN B . 21.53 -13.30 0.37
C4 MAN B . 20.88 -11.92 0.25
C5 MAN B . 20.86 -11.26 1.63
C6 MAN B . 20.24 -9.91 1.74
O2 MAN B . 19.54 -14.37 1.13
O3 MAN B . 21.32 -13.96 -0.89
O4 MAN B . 21.67 -11.12 -0.64
O5 MAN B . 20.19 -12.18 2.54
O6 MAN B . 20.67 -9.25 2.94
C1 MAN B . 19.16 -15.67 0.86
C2 MAN B . 17.70 -15.68 0.35
C3 MAN B . 16.67 -15.62 1.48
C4 MAN B . 17.05 -16.61 2.58
C5 MAN B . 18.41 -16.10 3.11
C6 MAN B . 18.91 -16.53 4.45
O2 MAN B . 17.48 -16.91 -0.37
O3 MAN B . 15.34 -15.88 1.02
O4 MAN B . 16.08 -16.65 3.62
O5 MAN B . 19.36 -16.50 2.05
O6 MAN B . 19.21 -15.44 5.35
C1 NAG C . -19.79 -3.92 -15.66
C2 NAG C . -20.18 -3.76 -14.18
C3 NAG C . -20.11 -5.13 -13.50
C4 NAG C . -20.97 -6.16 -14.23
C5 NAG C . -20.44 -6.24 -15.67
C6 NAG C . -21.12 -7.24 -16.59
C7 NAG C . -19.41 -1.63 -13.12
C8 NAG C . -18.16 -0.83 -12.62
N2 NAG C . -19.23 -2.89 -13.49
O3 NAG C . -20.47 -5.09 -12.14
O4 NAG C . -20.70 -7.42 -13.67
O5 NAG C . -20.56 -4.95 -16.28
O6 NAG C . -22.52 -7.33 -16.29
O7 NAG C . -20.54 -1.09 -13.18
C1 NAG C . -21.77 -8.21 -13.28
C2 NAG C . -21.22 -9.63 -13.14
C3 NAG C . -22.25 -10.56 -12.53
C4 NAG C . -22.79 -10.00 -11.23
C5 NAG C . -23.37 -8.60 -11.49
C6 NAG C . -23.93 -7.91 -10.28
C7 NAG C . -19.48 -10.21 -14.78
C8 NAG C . -19.20 -10.69 -16.24
N2 NAG C . -20.78 -10.18 -14.41
O3 NAG C . -21.63 -11.81 -12.21
O4 NAG C . -23.90 -10.74 -10.78
O5 NAG C . -22.29 -7.77 -12.01
O6 NAG C . -24.41 -6.59 -10.58
O7 NAG C . -18.57 -9.91 -14.00
C1 MAN C . -23.64 -11.72 -9.86
C2 MAN C . -24.89 -11.91 -8.99
C3 MAN C . -24.64 -13.05 -7.99
C4 MAN C . -24.32 -14.32 -8.70
C5 MAN C . -23.15 -14.09 -9.64
C6 MAN C . -22.78 -15.26 -10.53
O2 MAN C . -26.05 -12.22 -9.71
O3 MAN C . -25.80 -13.25 -7.19
O4 MAN C . -23.89 -15.28 -7.71
O5 MAN C . -23.44 -12.97 -10.49
O6 MAN C . -21.48 -15.10 -11.07
C1 MAN C . -25.68 -12.70 -5.91
C2 MAN C . -26.63 -13.48 -5.01
C3 MAN C . -28.06 -13.23 -5.51
C4 MAN C . -28.38 -11.76 -5.43
C5 MAN C . -27.40 -10.98 -6.29
C6 MAN C . -27.52 -9.48 -6.15
O2 MAN C . -26.51 -13.05 -3.65
O3 MAN C . -28.97 -13.98 -4.69
O4 MAN C . -29.70 -11.52 -5.91
O5 MAN C . -26.06 -11.33 -5.90
O6 MAN C . -26.29 -8.75 -6.34
C1 MAN C . -25.57 -13.75 -2.91
C2 MAN C . -25.95 -13.57 -1.43
C3 MAN C . -25.87 -12.09 -1.06
C4 MAN C . -24.48 -11.54 -1.31
C5 MAN C . -24.07 -11.82 -2.76
C6 MAN C . -22.64 -11.47 -3.07
O2 MAN C . -25.02 -14.28 -0.61
O3 MAN C . -26.20 -11.91 0.30
O4 MAN C . -24.48 -10.14 -1.10
O5 MAN C . -24.25 -13.23 -3.05
O6 MAN C . -22.28 -11.53 -4.44
C1 MAN C . -25.47 -15.47 -0.07
C2 MAN C . -24.85 -15.51 1.34
C3 MAN C . -23.33 -15.64 1.22
C4 MAN C . -22.97 -16.88 0.44
C5 MAN C . -23.60 -16.82 -0.95
C6 MAN C . -23.42 -18.08 -1.77
O2 MAN C . -25.37 -16.61 2.10
O3 MAN C . -22.73 -15.72 2.52
O4 MAN C . -21.54 -16.98 0.32
O5 MAN C . -25.03 -16.61 -0.85
O6 MAN C . -22.06 -18.51 -1.87
C1 MAN C . -20.92 -16.18 -11.72
C2 MAN C . -19.52 -15.71 -12.19
C3 MAN C . -19.69 -14.61 -13.23
C4 MAN C . -20.54 -15.10 -14.38
C5 MAN C . -21.92 -15.49 -13.83
C6 MAN C . -22.96 -15.91 -14.80
O2 MAN C . -18.83 -16.80 -12.79
O3 MAN C . -18.40 -14.27 -13.76
O4 MAN C . -20.64 -14.11 -15.40
O5 MAN C . -21.69 -16.58 -12.88
O6 MAN C . -22.76 -17.09 -15.60
C1 MAN C . -17.81 -13.13 -13.23
C2 MAN C . -16.73 -12.70 -14.23
C3 MAN C . -15.56 -13.66 -14.18
C4 MAN C . -15.07 -13.83 -12.75
C5 MAN C . -16.21 -14.40 -11.90
C6 MAN C . -15.88 -14.72 -10.46
O2 MAN C . -16.23 -11.38 -13.90
O3 MAN C . -14.47 -13.14 -14.97
O4 MAN C . -13.96 -14.72 -12.73
O5 MAN C . -17.31 -13.45 -11.91
O6 MAN C . -15.49 -13.63 -9.63
C1 MAN D . 15.64 10.68 6.97
C2 MAN D . 16.38 11.73 6.13
C3 MAN D . 17.78 11.90 6.71
C4 MAN D . 17.71 12.26 8.19
C5 MAN D . 16.95 11.15 8.95
C6 MAN D . 16.77 11.41 10.42
O2 MAN D . 15.68 12.98 6.26
O3 MAN D . 18.45 12.98 6.04
O4 MAN D . 19.03 12.37 8.75
O5 MAN D . 15.61 11.07 8.36
O6 MAN D . 16.24 10.32 11.15
C1 MAN E . 20.16 8.75 13.25
C2 MAN E . 21.45 8.13 13.84
C3 MAN E . 21.17 6.78 14.49
C4 MAN E . 19.99 6.89 15.46
C5 MAN E . 18.77 7.27 14.59
C6 MAN E . 17.41 7.20 15.20
O2 MAN E . 21.95 9.01 14.84
O3 MAN E . 22.31 6.29 15.19
O4 MAN E . 19.76 5.66 16.11
O5 MAN E . 19.03 8.65 14.17
O6 MAN E . 17.37 7.30 16.62
C1 MAN F . 14.99 -6.32 22.87
C2 MAN F . 14.32 -5.87 24.16
C3 MAN F . 14.70 -4.41 24.46
C4 MAN F . 16.22 -4.30 24.57
C5 MAN F . 16.79 -4.65 23.19
C6 MAN F . 18.27 -4.47 23.01
O2 MAN F . 14.74 -6.69 25.26
O3 MAN F . 14.08 -3.97 25.65
O4 MAN F . 16.59 -2.99 24.96
O5 MAN F . 16.42 -6.05 22.98
O6 MAN F . 19.06 -5.66 23.01
C1 MAN G . 8.72 -8.59 22.76
C2 MAN G . 8.31 -8.28 24.21
C3 MAN G . 9.54 -8.23 25.11
C4 MAN G . 10.43 -9.45 24.94
C5 MAN G . 10.81 -9.53 23.46
C6 MAN G . 11.86 -10.51 23.03
O2 MAN G . 7.42 -9.29 24.71
O3 MAN G . 9.23 -8.15 26.50
O4 MAN G . 11.66 -9.16 25.67
O5 MAN G . 9.55 -9.78 22.74
O6 MAN G . 12.74 -9.99 22.02
C1 MAN H . 3.47 -7.03 26.71
C2 MAN H . 1.93 -7.14 26.58
C3 MAN H . 1.27 -6.17 27.54
C4 MAN H . 1.78 -6.38 28.97
C5 MAN H . 3.30 -6.25 29.01
C6 MAN H . 3.93 -6.50 30.36
O2 MAN H . 1.50 -8.46 26.93
O3 MAN H . -0.13 -6.38 27.55
O4 MAN H . 1.23 -5.31 29.77
O5 MAN H . 3.89 -7.20 28.08
O6 MAN H . 3.92 -7.89 30.68
C1 MAN I . -1.66 -0.55 29.27
C2 MAN I . -2.69 -1.24 30.18
C3 MAN I . -4.08 -0.63 29.93
C4 MAN I . -4.04 0.89 30.10
C5 MAN I . -3.11 1.43 29.01
C6 MAN I . -2.96 2.94 28.91
O2 MAN I . -2.37 -1.03 31.55
O3 MAN I . -5.02 -1.19 30.85
O4 MAN I . -5.33 1.46 30.00
O5 MAN I . -1.79 0.92 29.28
O6 MAN I . -2.26 3.47 30.00
C1 MAN J . -8.57 0.66 28.36
C2 MAN J . -9.69 0.56 29.38
C3 MAN J . -11.05 0.60 28.69
C4 MAN J . -11.17 1.77 27.74
C5 MAN J . -9.99 1.81 26.75
C6 MAN J . -9.96 3.06 25.90
O2 MAN J . -9.61 1.63 30.31
O3 MAN J . -12.10 0.77 29.63
O4 MAN J . -12.37 1.66 26.97
O5 MAN J . -8.78 1.81 27.55
O6 MAN J . -9.84 4.23 26.74
C1 MAN K . -12.94 -4.59 22.92
C2 MAN K . -14.16 -4.31 22.01
C3 MAN K . -15.43 -4.77 22.72
C4 MAN K . -15.31 -6.23 23.12
C5 MAN K . -14.08 -6.47 23.98
C6 MAN K . -13.84 -7.96 24.15
O2 MAN K . -14.01 -5.05 20.79
O3 MAN K . -16.56 -4.73 21.82
O4 MAN K . -16.46 -6.65 23.84
O5 MAN K . -12.91 -5.96 23.29
O6 MAN K . -12.82 -8.19 25.14
C1 MAN L . -15.79 -0.37 25.68
C2 MAN L . -15.08 -1.69 25.92
C3 MAN L . -16.14 -2.75 26.25
C4 MAN L . -16.93 -2.36 27.48
C5 MAN L . -17.56 -0.99 27.32
C6 MAN L . -18.12 -0.44 28.63
O2 MAN L . -14.20 -1.60 27.03
O3 MAN L . -15.52 -4.01 26.50
O4 MAN L . -17.98 -3.33 27.67
O5 MAN L . -16.55 -0.05 26.88
O6 MAN L . -18.78 0.82 28.49
C1 MAN M . -20.12 5.20 25.74
C2 MAN M . -19.71 6.67 25.94
C3 MAN M . -18.32 6.88 25.35
C4 MAN M . -17.30 5.95 26.01
C5 MAN M . -17.73 4.49 25.85
C6 MAN M . -16.85 3.51 26.60
O2 MAN M . -19.72 7.02 27.32
O3 MAN M . -17.91 8.24 25.51
O4 MAN M . -16.00 6.12 25.40
O5 MAN M . -19.08 4.33 26.35
O6 MAN M . -17.30 3.20 27.90
#